data_1U59
#
_entry.id   1U59
#
_cell.length_a   43.056
_cell.length_b   57.064
_cell.length_c   125.133
_cell.angle_alpha   90.00
_cell.angle_beta   90.00
_cell.angle_gamma   90.00
#
_symmetry.space_group_name_H-M   'P 21 21 21'
#
loop_
_entity.id
_entity.type
_entity.pdbx_description
1 polymer 'Tyrosine-protein kinase ZAP-70'
2 non-polymer STAUROSPORINE
3 water water
#
_entity_poly.entity_id   1
_entity_poly.type   'polypeptide(L)'
_entity_poly.pdbx_seq_one_letter_code
;DKKLFLKRDNLLIADIELGCGNFGSVRQGVYRMRKKQIDVAIKVLKQGTEKADTEEMMREAQIMHQLDNPYIVRLIGVCQ
AEALMLVMEMAGGGPLHKFLVGKREEIPVSNVAELLHQVSMGMKYLEEKNFVHRDLAARNVLLVNRHYAKISDFGLSKAL
GADDSYYTARSAGKWPLKWYAPECINFRKFSSRSDVWSYGVTMWEALSYGQKPYKKMKGPEVMAFIEQGKRMECPPECPP
ELYALMSDCWIYKWEDRPDFLTVEQRMRACYYSLASKVEGHHHHHHH
;
_entity_poly.pdbx_strand_id   A
#
loop_
_chem_comp.id
_chem_comp.type
_chem_comp.name
_chem_comp.formula
STU non-polymer STAUROSPORINE 'C28 H26 N4 O3'
#
# COMPACT_ATOMS: atom_id res chain seq x y z
N LYS A 2 -25.79 -1.08 1.63
CA LYS A 2 -25.53 -0.03 2.66
C LYS A 2 -25.86 -0.55 4.06
N LYS A 3 -25.63 -1.84 4.26
CA LYS A 3 -25.88 -2.47 5.55
C LYS A 3 -24.57 -2.33 6.31
N LEU A 4 -23.70 -1.47 5.79
CA LEU A 4 -22.38 -1.24 6.38
C LEU A 4 -22.27 -0.26 7.56
N PHE A 5 -23.39 0.00 8.21
CA PHE A 5 -23.37 0.90 9.37
C PHE A 5 -23.21 0.09 10.65
N LEU A 6 -22.43 0.62 11.59
CA LEU A 6 -22.16 -0.06 12.86
C LEU A 6 -22.77 0.67 14.05
N LYS A 7 -23.04 -0.08 15.13
CA LYS A 7 -23.60 0.50 16.35
C LYS A 7 -22.49 1.14 17.17
N ARG A 8 -22.57 2.44 17.36
CA ARG A 8 -21.55 3.14 18.13
C ARG A 8 -21.25 2.44 19.46
N ASP A 9 -22.26 1.76 20.01
CA ASP A 9 -22.11 1.07 21.30
C ASP A 9 -21.20 -0.15 21.28
N ASN A 10 -21.00 -0.74 20.11
CA ASN A 10 -20.14 -1.91 20.00
C ASN A 10 -18.69 -1.50 19.76
N LEU A 11 -18.45 -0.20 19.72
CA LEU A 11 -17.11 0.32 19.47
C LEU A 11 -16.48 1.06 20.64
N LEU A 12 -15.36 0.55 21.14
CA LEU A 12 -14.64 1.22 22.22
C LEU A 12 -13.38 1.80 21.57
N ILE A 13 -13.27 3.12 21.62
CA ILE A 13 -12.13 3.82 21.03
C ILE A 13 -11.10 4.18 22.10
N ALA A 14 -9.91 3.60 22.00
CA ALA A 14 -8.87 3.88 22.98
C ALA A 14 -8.20 5.22 22.70
N ASP A 15 -7.42 5.68 23.66
CA ASP A 15 -6.69 6.94 23.59
C ASP A 15 -5.32 6.61 23.00
N ILE A 16 -5.35 5.87 21.90
CA ILE A 16 -4.14 5.46 21.22
C ILE A 16 -4.23 5.85 19.76
N GLU A 17 -3.30 6.67 19.33
CA GLU A 17 -3.29 7.12 17.95
C GLU A 17 -2.24 6.35 17.17
N LEU A 18 -2.68 5.72 16.09
CA LEU A 18 -1.82 4.92 15.22
C LEU A 18 -1.13 5.78 14.17
N GLY A 19 -1.83 6.83 13.74
CA GLY A 19 -1.30 7.74 12.76
C GLY A 19 -2.22 8.94 12.73
N CYS A 20 -1.97 9.90 11.85
CA CYS A 20 -2.83 11.07 11.77
C CYS A 20 -2.77 11.76 10.42
N GLY A 21 -2.87 13.09 10.44
CA GLY A 21 -2.84 13.86 9.20
C GLY A 21 -3.96 14.87 9.21
N ASN A 22 -4.12 15.62 8.12
CA ASN A 22 -5.16 16.63 8.04
C ASN A 22 -6.58 16.06 8.08
N PHE A 23 -6.80 14.91 7.45
CA PHE A 23 -8.12 14.29 7.42
C PHE A 23 -8.64 14.00 8.82
N GLY A 24 -7.71 13.96 9.78
CA GLY A 24 -8.05 13.68 11.16
C GLY A 24 -7.00 12.74 11.75
N SER A 25 -7.44 11.67 12.41
CA SER A 25 -6.50 10.73 12.99
C SER A 25 -7.01 9.30 12.95
N VAL A 26 -6.08 8.35 13.02
CA VAL A 26 -6.43 6.93 13.04
C VAL A 26 -6.16 6.47 14.47
N ARG A 27 -7.17 5.87 15.09
CA ARG A 27 -7.01 5.42 16.47
C ARG A 27 -7.31 3.95 16.61
N GLN A 28 -6.78 3.35 17.66
CA GLN A 28 -7.00 1.94 17.91
C GLN A 28 -8.15 1.75 18.90
N GLY A 29 -8.86 0.64 18.76
CA GLY A 29 -9.97 0.34 19.63
C GLY A 29 -10.39 -1.10 19.42
N VAL A 30 -11.57 -1.44 19.93
CA VAL A 30 -12.10 -2.78 19.77
C VAL A 30 -13.56 -2.69 19.37
N TYR A 31 -14.04 -3.68 18.65
CA TYR A 31 -15.42 -3.71 18.21
C TYR A 31 -16.01 -5.07 18.48
N ARG A 32 -17.23 -5.11 19.02
CA ARG A 32 -17.89 -6.39 19.29
C ARG A 32 -18.62 -6.92 18.06
N LYS A 36 -15.84 -11.98 19.52
CA LYS A 36 -16.04 -11.10 20.66
C LYS A 36 -15.61 -9.67 20.37
N GLN A 37 -14.44 -9.29 20.90
CA GLN A 37 -13.93 -7.94 20.71
C GLN A 37 -12.70 -7.88 19.82
N ILE A 38 -12.94 -7.75 18.52
CA ILE A 38 -11.85 -7.70 17.56
C ILE A 38 -11.14 -6.35 17.63
N ASP A 39 -9.83 -6.38 17.52
CA ASP A 39 -9.05 -5.17 17.54
C ASP A 39 -9.34 -4.45 16.24
N VAL A 40 -9.47 -3.14 16.30
CA VAL A 40 -9.75 -2.37 15.10
C VAL A 40 -8.99 -1.05 15.06
N ALA A 41 -8.88 -0.52 13.86
CA ALA A 41 -8.23 0.77 13.64
C ALA A 41 -9.41 1.65 13.24
N ILE A 42 -9.46 2.84 13.80
CA ILE A 42 -10.57 3.74 13.52
C ILE A 42 -10.13 5.05 12.91
N LYS A 43 -10.53 5.28 11.67
CA LYS A 43 -10.20 6.52 10.97
C LYS A 43 -11.29 7.53 11.32
N VAL A 44 -10.98 8.47 12.21
CA VAL A 44 -11.93 9.49 12.63
C VAL A 44 -11.71 10.82 11.95
N LEU A 45 -12.69 11.26 11.17
CA LEU A 45 -12.60 12.53 10.48
C LEU A 45 -12.47 13.68 11.48
N LYS A 46 -11.68 14.69 11.13
CA LYS A 46 -11.47 15.86 11.98
C LYS A 46 -12.86 16.35 12.39
N GLN A 47 -12.96 17.01 13.55
CA GLN A 47 -14.25 17.50 14.02
C GLN A 47 -14.90 18.49 13.06
N GLY A 48 -14.11 19.44 12.56
CA GLY A 48 -14.64 20.42 11.63
C GLY A 48 -14.46 19.93 10.21
N THR A 49 -15.27 18.95 9.81
CA THR A 49 -15.20 18.38 8.47
C THR A 49 -16.22 19.01 7.53
N GLU A 50 -16.06 18.75 6.23
CA GLU A 50 -16.98 19.29 5.23
C GLU A 50 -17.55 18.19 4.35
N LYS A 51 -18.72 18.48 3.77
CA LYS A 51 -19.40 17.55 2.89
C LYS A 51 -18.41 16.79 2.02
N ALA A 52 -17.61 17.53 1.25
CA ALA A 52 -16.63 16.94 0.36
C ALA A 52 -15.83 15.82 1.02
N ASP A 53 -15.23 16.12 2.17
CA ASP A 53 -14.43 15.15 2.90
C ASP A 53 -15.27 13.98 3.42
N THR A 54 -16.52 14.25 3.76
CA THR A 54 -17.42 13.21 4.26
C THR A 54 -17.85 12.31 3.11
N GLU A 55 -17.89 12.86 1.90
CA GLU A 55 -18.28 12.11 0.73
C GLU A 55 -17.13 11.21 0.32
N GLU A 56 -15.91 11.72 0.43
CA GLU A 56 -14.72 10.96 0.07
C GLU A 56 -14.61 9.71 0.91
N MET A 57 -14.57 9.88 2.23
CA MET A 57 -14.46 8.75 3.14
C MET A 57 -15.58 7.78 2.83
N MET A 58 -16.76 8.32 2.54
CA MET A 58 -17.92 7.51 2.23
C MET A 58 -17.68 6.70 0.95
N ARG A 59 -16.98 7.30 -0.01
CA ARG A 59 -16.68 6.59 -1.25
C ARG A 59 -15.60 5.55 -0.92
N GLU A 60 -14.63 5.96 -0.11
CA GLU A 60 -13.55 5.07 0.32
C GLU A 60 -14.18 3.85 0.97
N ALA A 61 -15.11 4.10 1.89
CA ALA A 61 -15.80 3.03 2.61
C ALA A 61 -16.45 2.08 1.62
N GLN A 62 -17.02 2.65 0.57
CA GLN A 62 -17.71 1.88 -0.47
C GLN A 62 -16.77 1.02 -1.29
N ILE A 63 -15.58 1.54 -1.59
CA ILE A 63 -14.61 0.78 -2.37
C ILE A 63 -14.10 -0.42 -1.60
N MET A 64 -13.81 -0.21 -0.32
CA MET A 64 -13.30 -1.27 0.54
C MET A 64 -14.31 -2.40 0.69
N HIS A 65 -15.59 -2.04 0.71
CA HIS A 65 -16.65 -3.03 0.85
C HIS A 65 -16.62 -4.04 -0.30
N GLN A 66 -16.17 -3.59 -1.47
CA GLN A 66 -16.11 -4.47 -2.64
C GLN A 66 -14.88 -5.40 -2.66
N LEU A 67 -13.90 -5.10 -1.83
CA LEU A 67 -12.69 -5.90 -1.78
C LEU A 67 -12.68 -7.03 -0.75
N ASP A 68 -12.40 -8.24 -1.22
CA ASP A 68 -12.35 -9.41 -0.36
C ASP A 68 -11.06 -10.14 -0.67
N ASN A 69 -10.01 -9.83 0.09
CA ASN A 69 -8.70 -10.44 -0.11
C ASN A 69 -7.92 -10.46 1.22
N PRO A 70 -7.09 -11.49 1.42
CA PRO A 70 -6.29 -11.63 2.64
C PRO A 70 -5.21 -10.55 2.78
N TYR A 71 -4.69 -10.09 1.65
CA TYR A 71 -3.61 -9.11 1.65
C TYR A 71 -4.02 -7.65 1.52
N ILE A 72 -5.22 -7.36 2.02
CA ILE A 72 -5.79 -6.02 1.99
C ILE A 72 -6.52 -5.78 3.32
N VAL A 73 -6.30 -4.63 3.95
CA VAL A 73 -6.95 -4.32 5.22
C VAL A 73 -8.46 -4.34 4.99
N ARG A 74 -9.18 -5.14 5.78
CA ARG A 74 -10.62 -5.22 5.62
C ARG A 74 -11.40 -4.14 6.33
N LEU A 75 -12.51 -3.76 5.72
CA LEU A 75 -13.40 -2.74 6.26
C LEU A 75 -14.38 -3.45 7.18
N ILE A 76 -14.52 -2.99 8.42
CA ILE A 76 -15.45 -3.63 9.31
C ILE A 76 -16.82 -3.02 9.07
N GLY A 77 -16.84 -1.72 8.86
CA GLY A 77 -18.06 -1.00 8.60
C GLY A 77 -17.79 0.47 8.87
N VAL A 78 -18.82 1.28 8.73
CA VAL A 78 -18.70 2.71 8.98
C VAL A 78 -19.56 3.02 10.19
N CYS A 79 -19.15 4.01 10.96
CA CYS A 79 -19.88 4.38 12.15
C CYS A 79 -20.09 5.88 12.20
N GLN A 80 -21.36 6.28 12.24
CA GLN A 80 -21.71 7.68 12.28
C GLN A 80 -22.16 8.01 13.70
N ALA A 81 -21.29 8.66 14.46
CA ALA A 81 -21.63 9.02 15.83
C ALA A 81 -21.25 10.46 16.12
N GLU A 82 -20.32 10.66 17.05
CA GLU A 82 -19.88 12.01 17.38
C GLU A 82 -18.97 12.49 16.25
N ALA A 83 -18.84 11.64 15.23
CA ALA A 83 -18.01 11.94 14.07
C ALA A 83 -18.12 10.79 13.08
N LEU A 84 -17.76 11.07 11.83
CA LEU A 84 -17.81 10.03 10.80
C LEU A 84 -16.54 9.21 11.02
N MET A 85 -16.68 7.88 11.09
CA MET A 85 -15.54 7.03 11.35
C MET A 85 -15.49 5.78 10.49
N LEU A 86 -14.30 5.49 9.98
CA LEU A 86 -14.07 4.31 9.16
C LEU A 86 -13.44 3.26 10.06
N VAL A 87 -14.20 2.21 10.37
CA VAL A 87 -13.73 1.15 11.24
C VAL A 87 -13.23 -0.01 10.39
N MET A 88 -11.95 -0.35 10.54
CA MET A 88 -11.41 -1.45 9.77
C MET A 88 -10.48 -2.34 10.61
N GLU A 89 -10.22 -3.55 10.15
CA GLU A 89 -9.38 -4.44 10.92
C GLU A 89 -8.03 -3.83 11.25
N MET A 90 -7.44 -4.33 12.34
CA MET A 90 -6.17 -3.85 12.87
C MET A 90 -4.97 -4.70 12.44
N ALA A 91 -3.87 -4.04 12.08
CA ALA A 91 -2.64 -4.72 11.72
C ALA A 91 -1.61 -4.18 12.69
N GLY A 92 -1.55 -4.83 13.86
CA GLY A 92 -0.65 -4.46 14.93
C GLY A 92 0.80 -4.21 14.59
N GLY A 93 1.34 -5.04 13.70
CA GLY A 93 2.73 -4.91 13.30
C GLY A 93 3.10 -3.50 12.88
N GLY A 94 2.19 -2.82 12.18
CA GLY A 94 2.48 -1.46 11.74
C GLY A 94 3.07 -1.41 10.35
N PRO A 95 3.51 -0.22 9.89
CA PRO A 95 4.10 0.02 8.57
C PRO A 95 5.30 -0.85 8.24
N LEU A 96 5.35 -1.34 7.01
CA LEU A 96 6.45 -2.17 6.52
C LEU A 96 7.83 -1.52 6.66
N HIS A 97 7.94 -0.25 6.27
CA HIS A 97 9.22 0.44 6.32
C HIS A 97 9.79 0.67 7.73
N LYS A 98 8.98 1.19 8.65
CA LYS A 98 9.47 1.39 10.01
C LYS A 98 9.79 0.03 10.63
N PHE A 99 9.09 -1.00 10.17
CA PHE A 99 9.28 -2.35 10.65
C PHE A 99 10.61 -2.98 10.26
N LEU A 100 11.07 -2.71 9.04
CA LEU A 100 12.31 -3.28 8.55
C LEU A 100 13.59 -2.54 8.94
N VAL A 101 13.44 -1.31 9.42
CA VAL A 101 14.60 -0.50 9.82
C VAL A 101 15.49 -1.21 10.84
N GLY A 102 16.78 -1.25 10.56
CA GLY A 102 17.72 -1.89 11.47
C GLY A 102 17.43 -3.34 11.79
N LYS A 103 16.89 -4.09 10.84
CA LYS A 103 16.57 -5.50 11.07
C LYS A 103 17.11 -6.45 10.00
N ARG A 104 18.19 -6.07 9.34
CA ARG A 104 18.78 -6.94 8.32
C ARG A 104 19.27 -8.27 8.89
N GLU A 105 19.54 -8.30 10.20
CA GLU A 105 20.02 -9.53 10.84
C GLU A 105 18.89 -10.29 11.51
N GLU A 106 17.69 -9.73 11.47
CA GLU A 106 16.54 -10.35 12.10
C GLU A 106 15.53 -10.85 11.07
N ILE A 107 15.38 -10.09 9.99
CA ILE A 107 14.46 -10.43 8.92
C ILE A 107 15.24 -10.68 7.66
N PRO A 108 15.47 -11.95 7.30
CA PRO A 108 16.23 -12.25 6.09
C PRO A 108 15.49 -11.83 4.82
N VAL A 109 16.22 -11.80 3.71
CA VAL A 109 15.67 -11.43 2.42
C VAL A 109 14.52 -12.36 2.02
N SER A 110 14.57 -13.61 2.47
CA SER A 110 13.51 -14.55 2.12
C SER A 110 12.21 -14.10 2.76
N ASN A 111 12.31 -13.53 3.97
CA ASN A 111 11.12 -13.07 4.66
C ASN A 111 10.63 -11.79 4.00
N VAL A 112 11.55 -10.94 3.58
CA VAL A 112 11.14 -9.70 2.92
C VAL A 112 10.41 -10.01 1.63
N ALA A 113 10.92 -10.99 0.89
CA ALA A 113 10.32 -11.38 -0.38
C ALA A 113 8.96 -12.01 -0.12
N GLU A 114 8.79 -12.58 1.07
CA GLU A 114 7.52 -13.22 1.42
C GLU A 114 6.47 -12.14 1.49
N LEU A 115 6.77 -11.09 2.25
CA LEU A 115 5.86 -9.97 2.42
C LEU A 115 5.60 -9.25 1.08
N LEU A 116 6.66 -9.05 0.29
CA LEU A 116 6.50 -8.39 -0.99
C LEU A 116 5.66 -9.25 -1.91
N HIS A 117 5.76 -10.56 -1.74
CA HIS A 117 4.99 -11.45 -2.57
C HIS A 117 3.51 -11.32 -2.23
N GLN A 118 3.22 -11.21 -0.94
CA GLN A 118 1.84 -11.08 -0.48
C GLN A 118 1.25 -9.78 -1.02
N VAL A 119 2.07 -8.73 -0.99
CA VAL A 119 1.63 -7.44 -1.49
C VAL A 119 1.31 -7.57 -2.98
N SER A 120 2.14 -8.32 -3.71
CA SER A 120 1.90 -8.48 -5.14
C SER A 120 0.61 -9.25 -5.39
N MET A 121 0.24 -10.14 -4.49
CA MET A 121 -0.99 -10.89 -4.67
C MET A 121 -2.18 -9.96 -4.41
N GLY A 122 -2.07 -9.09 -3.43
CA GLY A 122 -3.15 -8.16 -3.17
C GLY A 122 -3.39 -7.24 -4.36
N MET A 123 -2.32 -6.71 -4.92
CA MET A 123 -2.39 -5.80 -6.06
C MET A 123 -2.89 -6.53 -7.32
N LYS A 124 -2.52 -7.81 -7.47
CA LYS A 124 -2.99 -8.59 -8.62
C LYS A 124 -4.51 -8.62 -8.53
N TYR A 125 -4.98 -8.85 -7.31
CA TYR A 125 -6.40 -8.89 -7.04
C TYR A 125 -7.04 -7.55 -7.37
N LEU A 126 -6.44 -6.47 -6.85
CA LEU A 126 -6.94 -5.11 -7.10
C LEU A 126 -7.06 -4.83 -8.59
N GLU A 127 -6.03 -5.23 -9.33
CA GLU A 127 -6.00 -5.06 -10.78
C GLU A 127 -7.22 -5.75 -11.41
N GLU A 128 -7.47 -6.98 -11.00
CA GLU A 128 -8.60 -7.76 -11.52
C GLU A 128 -9.92 -7.07 -11.25
N LYS A 129 -10.05 -6.46 -10.08
CA LYS A 129 -11.25 -5.74 -9.69
C LYS A 129 -11.23 -4.35 -10.33
N ASN A 130 -10.22 -4.11 -11.15
CA ASN A 130 -10.03 -2.83 -11.84
C ASN A 130 -10.05 -1.60 -10.94
N PHE A 131 -9.32 -1.68 -9.83
CA PHE A 131 -9.21 -0.57 -8.89
C PHE A 131 -7.77 -0.10 -8.91
N VAL A 132 -7.59 1.21 -8.88
CA VAL A 132 -6.26 1.78 -8.88
C VAL A 132 -6.02 2.30 -7.47
N HIS A 133 -4.96 1.83 -6.82
CA HIS A 133 -4.68 2.26 -5.46
C HIS A 133 -4.11 3.67 -5.44
N ARG A 134 -3.05 3.88 -6.21
CA ARG A 134 -2.37 5.17 -6.35
C ARG A 134 -1.36 5.48 -5.26
N ASP A 135 -1.64 5.09 -4.03
CA ASP A 135 -0.72 5.38 -2.95
C ASP A 135 -0.01 4.15 -2.38
N LEU A 136 0.32 3.19 -3.23
CA LEU A 136 1.04 2.00 -2.75
C LEU A 136 2.47 2.46 -2.40
N ALA A 137 2.92 2.16 -1.20
CA ALA A 137 4.25 2.54 -0.74
C ALA A 137 4.49 1.77 0.55
N ALA A 138 5.75 1.58 0.93
CA ALA A 138 6.06 0.83 2.16
C ALA A 138 5.30 1.33 3.39
N ARG A 139 5.12 2.64 3.51
CA ARG A 139 4.42 3.19 4.67
C ARG A 139 2.94 2.81 4.69
N ASN A 140 2.41 2.34 3.57
CA ASN A 140 1.00 1.95 3.52
C ASN A 140 0.79 0.45 3.49
N VAL A 141 1.87 -0.30 3.66
CA VAL A 141 1.78 -1.74 3.73
C VAL A 141 1.85 -1.97 5.22
N LEU A 142 0.86 -2.65 5.77
CA LEU A 142 0.80 -2.94 7.20
C LEU A 142 0.98 -4.43 7.49
N LEU A 143 1.66 -4.73 8.58
CA LEU A 143 1.93 -6.10 8.97
C LEU A 143 1.09 -6.59 10.13
N VAL A 144 0.48 -7.77 9.99
CA VAL A 144 -0.32 -8.35 11.07
C VAL A 144 0.76 -8.94 11.97
N ASN A 145 1.74 -9.56 11.33
CA ASN A 145 2.91 -10.13 11.98
C ASN A 145 4.03 -10.08 10.94
N ARG A 146 5.16 -10.70 11.22
CA ARG A 146 6.27 -10.67 10.27
C ARG A 146 6.07 -11.52 9.02
N HIS A 147 5.03 -12.34 9.00
CA HIS A 147 4.76 -13.17 7.83
C HIS A 147 3.38 -12.92 7.24
N TYR A 148 2.82 -11.77 7.54
CA TYR A 148 1.49 -11.44 7.04
C TYR A 148 1.39 -9.94 6.80
N ALA A 149 1.36 -9.54 5.53
CA ALA A 149 1.27 -8.14 5.15
C ALA A 149 -0.08 -7.79 4.52
N LYS A 150 -0.50 -6.54 4.70
CA LYS A 150 -1.76 -6.08 4.15
C LYS A 150 -1.66 -4.68 3.59
N ILE A 151 -2.22 -4.50 2.40
CA ILE A 151 -2.25 -3.22 1.73
C ILE A 151 -3.35 -2.41 2.38
N SER A 152 -3.06 -1.18 2.75
CA SER A 152 -4.05 -0.31 3.40
C SER A 152 -4.14 1.08 2.79
N ASP A 153 -5.03 1.88 3.36
CA ASP A 153 -5.30 3.25 2.97
C ASP A 153 -5.78 3.42 1.53
N PHE A 154 -7.06 3.15 1.32
CA PHE A 154 -7.68 3.26 0.00
C PHE A 154 -8.29 4.65 -0.19
N GLY A 155 -7.75 5.63 0.52
CA GLY A 155 -8.26 6.98 0.45
C GLY A 155 -8.19 7.64 -0.91
N LEU A 156 -7.19 7.27 -1.71
CA LEU A 156 -7.03 7.82 -3.04
C LEU A 156 -7.45 6.80 -4.10
N SER A 157 -7.93 5.65 -3.65
CA SER A 157 -8.34 4.58 -4.55
C SER A 157 -9.47 5.05 -5.44
N LYS A 158 -9.57 4.46 -6.63
CA LYS A 158 -10.61 4.84 -7.56
C LYS A 158 -10.89 3.71 -8.54
N ALA A 159 -12.17 3.54 -8.89
CA ALA A 159 -12.58 2.51 -9.83
C ALA A 159 -12.31 3.00 -11.25
N LEU A 160 -11.95 2.08 -12.13
CA LEU A 160 -11.67 2.43 -13.52
C LEU A 160 -12.83 2.10 -14.44
N GLY A 161 -13.56 1.03 -14.10
CA GLY A 161 -14.66 0.61 -14.95
C GLY A 161 -14.10 -0.06 -16.18
N ALA A 162 -14.56 0.39 -17.35
CA ALA A 162 -14.10 -0.16 -18.62
C ALA A 162 -12.77 0.48 -18.99
N ASP A 163 -12.55 1.69 -18.48
CA ASP A 163 -11.31 2.42 -18.74
C ASP A 163 -10.13 1.73 -18.07
N ASP A 164 -8.95 1.91 -18.65
CA ASP A 164 -7.75 1.31 -18.10
C ASP A 164 -6.89 2.37 -17.43
N SER A 165 -7.44 3.57 -17.30
CA SER A 165 -6.73 4.67 -16.67
C SER A 165 -7.67 5.83 -16.45
N TYR A 166 -7.17 6.89 -15.82
CA TYR A 166 -7.96 8.08 -15.58
C TYR A 166 -7.02 9.23 -15.29
N TYR A 167 -7.46 10.44 -15.59
CA TYR A 167 -6.66 11.62 -15.33
C TYR A 167 -7.28 12.28 -14.12
N THR A 168 -6.49 12.41 -13.08
CA THR A 168 -6.97 12.99 -11.83
C THR A 168 -6.92 14.49 -11.77
N ALA A 169 -7.82 15.03 -10.95
CA ALA A 169 -7.85 16.46 -10.72
C ALA A 169 -6.62 16.68 -9.85
N ARG A 170 -6.21 17.92 -9.63
CA ARG A 170 -5.08 18.15 -8.77
C ARG A 170 -5.62 18.77 -7.51
N SER A 171 -5.40 18.13 -6.37
CA SER A 171 -5.89 18.68 -5.11
C SER A 171 -4.77 19.45 -4.45
N ALA A 172 -5.12 20.34 -3.53
CA ALA A 172 -4.12 21.13 -2.82
C ALA A 172 -3.18 20.18 -2.08
N GLY A 173 -1.93 20.61 -1.92
CA GLY A 173 -0.96 19.77 -1.23
C GLY A 173 0.13 19.28 -2.17
N LYS A 174 0.99 18.40 -1.67
CA LYS A 174 2.09 17.87 -2.47
C LYS A 174 1.92 16.40 -2.84
N TRP A 175 2.49 16.05 -4.00
CA TRP A 175 2.42 14.69 -4.50
C TRP A 175 3.65 13.87 -4.10
N PRO A 176 3.44 12.61 -3.68
CA PRO A 176 4.59 11.78 -3.30
C PRO A 176 5.29 11.36 -4.57
N LEU A 177 5.90 12.34 -5.23
CA LEU A 177 6.61 12.16 -6.50
C LEU A 177 7.50 10.93 -6.63
N LYS A 178 8.31 10.65 -5.63
CA LYS A 178 9.22 9.51 -5.69
C LYS A 178 8.54 8.15 -5.86
N TRP A 179 7.21 8.13 -5.79
CA TRP A 179 6.44 6.89 -5.94
C TRP A 179 5.57 6.87 -7.22
N TYR A 180 5.60 7.97 -7.97
CA TYR A 180 4.80 8.12 -9.19
C TYR A 180 5.53 7.85 -10.50
N ALA A 181 4.83 7.14 -11.39
CA ALA A 181 5.35 6.80 -12.71
C ALA A 181 5.40 8.08 -13.55
N PRO A 182 6.22 8.09 -14.61
CA PRO A 182 6.34 9.27 -15.47
C PRO A 182 5.00 9.82 -15.94
N GLU A 183 4.17 8.97 -16.53
CA GLU A 183 2.88 9.42 -17.03
C GLU A 183 2.00 10.03 -15.93
N CYS A 184 2.32 9.76 -14.67
CA CYS A 184 1.58 10.30 -13.54
C CYS A 184 1.95 11.75 -13.30
N ILE A 185 3.23 12.04 -13.44
CA ILE A 185 3.74 13.37 -13.23
C ILE A 185 3.53 14.28 -14.43
N ASN A 186 3.79 13.77 -15.63
CA ASN A 186 3.64 14.59 -16.83
C ASN A 186 2.23 14.77 -17.34
N PHE A 187 1.39 13.76 -17.14
CA PHE A 187 0.03 13.82 -17.64
C PHE A 187 -1.06 13.50 -16.62
N ARG A 188 -0.69 13.38 -15.35
CA ARG A 188 -1.64 13.07 -14.30
C ARG A 188 -2.53 11.87 -14.68
N LYS A 189 -1.92 10.87 -15.31
CA LYS A 189 -2.63 9.65 -15.74
C LYS A 189 -2.30 8.49 -14.78
N PHE A 190 -3.36 7.86 -14.23
CA PHE A 190 -3.21 6.77 -13.26
C PHE A 190 -3.88 5.47 -13.69
N SER A 191 -3.23 4.35 -13.36
CA SER A 191 -3.74 3.04 -13.75
C SER A 191 -3.08 1.94 -12.91
N SER A 192 -3.38 0.69 -13.25
CA SER A 192 -2.78 -0.44 -12.55
C SER A 192 -1.28 -0.43 -12.76
N ARG A 193 -0.86 -0.21 -14.00
CA ARG A 193 0.56 -0.19 -14.32
C ARG A 193 1.24 0.97 -13.62
N SER A 194 0.44 1.90 -13.14
CA SER A 194 0.96 3.03 -12.41
C SER A 194 1.22 2.52 -10.99
N ASP A 195 0.35 1.64 -10.51
CA ASP A 195 0.52 1.06 -9.18
C ASP A 195 1.73 0.14 -9.21
N VAL A 196 1.99 -0.45 -10.39
CA VAL A 196 3.15 -1.33 -10.57
C VAL A 196 4.44 -0.53 -10.35
N TRP A 197 4.48 0.69 -10.85
CA TRP A 197 5.66 1.53 -10.66
C TRP A 197 5.83 1.72 -9.14
N SER A 198 4.75 2.10 -8.46
CA SER A 198 4.76 2.29 -7.00
C SER A 198 5.15 0.99 -6.30
N TYR A 199 4.73 -0.14 -6.86
CA TYR A 199 5.10 -1.42 -6.28
C TYR A 199 6.61 -1.61 -6.38
N GLY A 200 7.19 -1.17 -7.50
CA GLY A 200 8.63 -1.31 -7.68
C GLY A 200 9.38 -0.50 -6.64
N VAL A 201 8.91 0.73 -6.38
CA VAL A 201 9.55 1.57 -5.37
C VAL A 201 9.38 0.88 -4.02
N THR A 202 8.20 0.30 -3.79
CA THR A 202 7.94 -0.39 -2.54
C THR A 202 8.92 -1.55 -2.32
N MET A 203 9.24 -2.27 -3.40
CA MET A 203 10.18 -3.40 -3.34
C MET A 203 11.55 -2.89 -2.91
N TRP A 204 11.93 -1.76 -3.47
CA TRP A 204 13.20 -1.14 -3.16
C TRP A 204 13.22 -0.73 -1.69
N GLU A 205 12.17 -0.04 -1.26
CA GLU A 205 12.08 0.40 0.14
C GLU A 205 12.26 -0.77 1.08
N ALA A 206 11.54 -1.86 0.80
CA ALA A 206 11.60 -3.04 1.65
C ALA A 206 12.93 -3.79 1.55
N LEU A 207 13.41 -4.02 0.34
CA LEU A 207 14.65 -4.73 0.14
C LEU A 207 15.87 -3.92 0.60
N SER A 208 15.68 -2.64 0.86
CA SER A 208 16.78 -1.80 1.35
C SER A 208 16.55 -1.52 2.84
N TYR A 209 15.67 -2.30 3.43
CA TYR A 209 15.34 -2.23 4.85
C TYR A 209 14.95 -0.89 5.44
N GLY A 210 13.99 -0.21 4.81
CA GLY A 210 13.49 1.05 5.32
C GLY A 210 14.11 2.34 4.85
N GLN A 211 14.95 2.28 3.82
CA GLN A 211 15.57 3.51 3.34
C GLN A 211 14.62 4.28 2.44
N LYS A 212 14.83 5.59 2.39
CA LYS A 212 14.01 6.46 1.58
C LYS A 212 14.48 6.44 0.13
N PRO A 213 13.52 6.44 -0.81
CA PRO A 213 13.81 6.42 -2.24
C PRO A 213 14.43 7.75 -2.69
N TYR A 214 15.41 7.68 -3.57
CA TYR A 214 16.05 8.89 -4.06
C TYR A 214 16.44 9.77 -2.89
N LYS A 215 17.12 9.18 -1.92
CA LYS A 215 17.57 9.91 -0.74
C LYS A 215 18.64 10.90 -1.20
N LYS A 216 18.36 12.19 -0.97
CA LYS A 216 19.25 13.31 -1.35
C LYS A 216 18.63 14.15 -2.47
N MET A 217 17.63 13.60 -3.15
CA MET A 217 16.97 14.33 -4.22
C MET A 217 15.62 14.85 -3.75
N LYS A 218 14.90 15.52 -4.65
CA LYS A 218 13.59 16.08 -4.34
C LYS A 218 13.05 16.80 -5.58
N GLY A 219 11.74 16.91 -5.67
CA GLY A 219 11.12 17.58 -6.80
C GLY A 219 11.54 17.09 -8.17
N PRO A 220 11.80 18.02 -9.12
CA PRO A 220 12.22 17.77 -10.50
C PRO A 220 13.60 17.12 -10.60
N GLU A 221 14.25 16.99 -9.45
CA GLU A 221 15.57 16.38 -9.39
C GLU A 221 15.39 14.89 -9.66
N VAL A 222 14.22 14.37 -9.28
CA VAL A 222 13.90 12.97 -9.48
C VAL A 222 13.46 12.67 -10.91
N MET A 223 12.56 13.48 -11.44
CA MET A 223 12.07 13.28 -12.80
C MET A 223 13.19 13.39 -13.83
N ALA A 224 14.09 14.34 -13.63
CA ALA A 224 15.21 14.51 -14.56
C ALA A 224 16.00 13.21 -14.58
N PHE A 225 16.18 12.64 -13.39
CA PHE A 225 16.90 11.38 -13.22
C PHE A 225 16.27 10.28 -14.06
N ILE A 226 15.01 9.98 -13.73
CA ILE A 226 14.25 8.96 -14.45
C ILE A 226 14.27 9.21 -15.96
N GLU A 227 14.00 10.44 -16.34
CA GLU A 227 13.95 10.84 -17.75
C GLU A 227 15.19 10.41 -18.54
N GLN A 228 16.36 10.57 -17.93
CA GLN A 228 17.64 10.22 -18.54
C GLN A 228 17.94 8.74 -18.67
N GLY A 229 17.04 7.90 -18.18
CA GLY A 229 17.27 6.46 -18.27
C GLY A 229 18.01 5.91 -17.04
N LYS A 230 17.84 6.58 -15.91
CA LYS A 230 18.49 6.13 -14.70
C LYS A 230 17.46 5.75 -13.63
N ARG A 231 17.90 4.94 -12.68
CA ARG A 231 17.02 4.51 -11.59
C ARG A 231 17.81 4.15 -10.35
N MET A 232 17.09 3.84 -9.29
CA MET A 232 17.75 3.49 -8.05
C MET A 232 18.60 2.26 -8.22
N GLU A 233 19.70 2.22 -7.50
CA GLU A 233 20.62 1.11 -7.58
C GLU A 233 20.01 -0.12 -6.95
N CYS A 234 20.65 -1.27 -7.17
CA CYS A 234 20.19 -2.50 -6.58
C CYS A 234 20.54 -2.39 -5.11
N PRO A 235 19.56 -2.62 -4.22
CA PRO A 235 19.86 -2.53 -2.79
C PRO A 235 20.90 -3.57 -2.46
N PRO A 236 21.69 -3.33 -1.41
CA PRO A 236 22.72 -4.28 -0.99
C PRO A 236 22.12 -5.64 -0.67
N GLU A 237 22.70 -6.70 -1.24
CA GLU A 237 22.23 -8.06 -0.99
C GLU A 237 20.89 -8.45 -1.61
N CYS A 238 20.36 -7.63 -2.50
CA CYS A 238 19.11 -7.95 -3.16
C CYS A 238 19.44 -8.84 -4.37
N PRO A 239 18.86 -10.04 -4.43
CA PRO A 239 19.12 -10.96 -5.56
C PRO A 239 18.84 -10.29 -6.91
N PRO A 240 19.61 -10.64 -7.94
CA PRO A 240 19.44 -10.08 -9.29
C PRO A 240 18.02 -10.23 -9.84
N GLU A 241 17.42 -11.40 -9.63
CA GLU A 241 16.07 -11.65 -10.10
C GLU A 241 15.06 -10.67 -9.48
N LEU A 242 15.27 -10.34 -8.20
CA LEU A 242 14.38 -9.40 -7.54
C LEU A 242 14.60 -8.02 -8.14
N TYR A 243 15.85 -7.58 -8.21
CA TYR A 243 16.13 -6.27 -8.79
C TYR A 243 15.64 -6.17 -10.22
N ALA A 244 15.84 -7.23 -11.01
CA ALA A 244 15.38 -7.24 -12.40
C ALA A 244 13.88 -7.00 -12.40
N LEU A 245 13.20 -7.54 -11.40
CA LEU A 245 11.75 -7.38 -11.31
C LEU A 245 11.34 -5.95 -10.95
N MET A 246 11.90 -5.42 -9.87
CA MET A 246 11.54 -4.06 -9.50
C MET A 246 11.97 -3.11 -10.61
N SER A 247 13.07 -3.43 -11.29
CA SER A 247 13.55 -2.57 -12.37
C SER A 247 12.53 -2.56 -13.50
N ASP A 248 12.04 -3.74 -13.88
CA ASP A 248 11.03 -3.80 -14.94
C ASP A 248 9.79 -3.02 -14.55
N CYS A 249 9.52 -2.94 -13.25
CA CYS A 249 8.37 -2.19 -12.76
C CYS A 249 8.57 -0.70 -13.04
N TRP A 250 9.80 -0.33 -13.38
CA TRP A 250 10.10 1.07 -13.70
C TRP A 250 10.35 1.31 -15.17
N ILE A 251 9.73 0.50 -16.03
CA ILE A 251 9.87 0.69 -17.47
C ILE A 251 9.09 1.97 -17.80
N TYR A 252 9.76 2.93 -18.43
CA TYR A 252 9.15 4.21 -18.78
C TYR A 252 7.82 4.09 -19.50
N LYS A 253 7.84 3.51 -20.69
CA LYS A 253 6.63 3.38 -21.48
C LYS A 253 5.54 2.56 -20.82
N TRP A 254 4.46 3.24 -20.49
CA TRP A 254 3.28 2.64 -19.87
C TRP A 254 2.94 1.31 -20.54
N GLU A 255 2.88 1.35 -21.87
CA GLU A 255 2.56 0.20 -22.71
C GLU A 255 3.50 -0.98 -22.52
N ASP A 256 4.77 -0.70 -22.25
CA ASP A 256 5.75 -1.77 -22.07
C ASP A 256 6.00 -2.15 -20.61
N ARG A 257 5.19 -1.65 -19.68
CA ARG A 257 5.40 -1.98 -18.27
C ARG A 257 4.55 -3.18 -17.89
N PRO A 258 5.12 -4.13 -17.16
CA PRO A 258 4.34 -5.31 -16.77
C PRO A 258 3.13 -4.98 -15.91
N ASP A 259 2.16 -5.89 -15.94
CA ASP A 259 0.95 -5.75 -15.13
C ASP A 259 1.14 -6.67 -13.92
N PHE A 260 0.30 -6.49 -12.91
CA PHE A 260 0.39 -7.31 -11.72
C PHE A 260 0.20 -8.80 -11.93
N LEU A 261 -0.39 -9.18 -13.05
CA LEU A 261 -0.59 -10.59 -13.35
C LEU A 261 0.80 -11.19 -13.56
N THR A 262 1.66 -10.44 -14.25
CA THR A 262 3.03 -10.88 -14.53
C THR A 262 3.98 -10.66 -13.33
N VAL A 263 3.82 -9.53 -12.64
CA VAL A 263 4.65 -9.21 -11.47
C VAL A 263 4.47 -10.24 -10.37
N GLU A 264 3.24 -10.62 -10.11
CA GLU A 264 2.93 -11.60 -9.07
C GLU A 264 3.58 -12.93 -9.42
N GLN A 265 3.36 -13.39 -10.64
CA GLN A 265 3.94 -14.65 -11.08
C GLN A 265 5.46 -14.60 -10.99
N ARG A 266 6.06 -13.45 -11.28
CA ARG A 266 7.51 -13.34 -11.21
C ARG A 266 7.98 -13.21 -9.76
N MET A 267 7.21 -12.49 -8.96
CA MET A 267 7.53 -12.32 -7.54
C MET A 267 7.38 -13.66 -6.83
N ARG A 268 6.41 -14.45 -7.26
CA ARG A 268 6.15 -15.78 -6.69
C ARG A 268 7.36 -16.69 -6.84
N ALA A 269 7.91 -16.73 -8.05
CA ALA A 269 9.09 -17.53 -8.37
C ALA A 269 10.32 -17.08 -7.60
N CYS A 270 10.56 -15.77 -7.58
CA CYS A 270 11.70 -15.22 -6.85
C CYS A 270 11.57 -15.57 -5.38
N TYR A 271 10.36 -15.52 -4.85
CA TYR A 271 10.17 -15.82 -3.44
C TYR A 271 10.41 -17.29 -3.11
N TYR A 272 9.70 -18.19 -3.79
CA TYR A 272 9.86 -19.62 -3.51
C TYR A 272 11.29 -20.10 -3.70
N SER A 273 12.02 -19.47 -4.61
CA SER A 273 13.43 -19.82 -4.82
C SER A 273 14.22 -19.56 -3.54
N LEU A 274 14.10 -18.34 -3.01
CA LEU A 274 14.80 -17.97 -1.79
C LEU A 274 14.33 -18.84 -0.62
N ALA A 275 13.01 -18.88 -0.44
CA ALA A 275 12.40 -19.65 0.64
C ALA A 275 12.82 -21.12 0.67
N SER A 276 13.10 -21.68 -0.50
CA SER A 276 13.49 -23.09 -0.55
C SER A 276 14.92 -23.33 -0.08
N LYS A 277 15.61 -22.26 0.29
CA LYS A 277 17.00 -22.36 0.75
C LYS A 277 17.13 -22.02 2.22
N VAL A 278 16.01 -21.72 2.86
CA VAL A 278 15.98 -21.37 4.27
C VAL A 278 15.94 -22.59 5.17
N GLU A 279 16.45 -22.43 6.39
CA GLU A 279 16.48 -23.50 7.39
C GLU A 279 15.42 -23.16 8.45
N GLY A 280 14.67 -24.16 8.90
CA GLY A 280 13.63 -23.89 9.88
C GLY A 280 12.35 -23.52 9.15
N HIS A 281 11.37 -22.98 9.86
CA HIS A 281 10.12 -22.60 9.21
C HIS A 281 9.13 -21.86 10.10
N HIS A 282 8.04 -21.41 9.48
CA HIS A 282 6.96 -20.71 10.16
C HIS A 282 5.67 -21.25 9.57
N HIS A 283 4.53 -20.67 9.95
CA HIS A 283 3.26 -21.17 9.42
C HIS A 283 2.60 -20.25 8.41
N HIS A 284 1.44 -20.68 7.92
CA HIS A 284 0.69 -19.92 6.93
C HIS A 284 0.25 -18.60 7.56
N HIS A 285 0.68 -17.49 6.97
CA HIS A 285 0.36 -16.15 7.46
C HIS A 285 0.65 -15.99 8.94
N HIS A 286 1.55 -16.82 9.47
CA HIS A 286 1.89 -16.76 10.88
C HIS A 286 3.29 -17.28 11.11
O4 STU B . -1.61 5.43 10.39
C25 STU B . -0.55 4.50 10.74
C24 STU B . 0.71 4.60 9.81
C23 STU B . 0.60 5.46 8.52
C22 STU B . -0.83 5.19 7.92
C21 STU B . -2.05 5.53 8.96
C26 STU B . -2.38 7.05 8.90
N2 STU B . -3.20 4.55 8.74
C18 STU B . -3.31 3.32 9.40
C19 STU B . -2.42 2.70 10.41
C6 STU B . -2.69 1.41 10.96
C7 STU B . -3.90 0.72 10.49
C10 STU B . -4.76 1.31 9.52
C11 STU B . -4.48 2.61 8.97
C12 STU B . -5.13 3.45 8.00
C17 STU B . -4.33 4.66 7.86
C16 STU B . -4.78 5.71 6.91
C15 STU B . -5.97 5.51 6.17
C14 STU B . -6.77 4.30 6.31
C13 STU B . -6.37 3.27 7.22
C9 STU B . -5.90 0.35 9.25
N1 STU B . -5.58 -0.76 10.10
C8 STU B . -4.46 -0.60 10.83
O5 STU B . -3.97 -1.44 11.65
C5 STU B . -1.64 1.12 11.88
C20 STU B . -0.76 2.25 11.88
C1 STU B . 0.48 2.35 12.72
C2 STU B . 0.71 1.19 13.54
C3 STU B . -0.16 0.05 13.56
C4 STU B . -1.35 -0.04 12.75
N3 STU B . -1.25 3.22 10.96
O6 STU B . -0.85 3.74 7.62
C27 STU B . -1.31 3.33 6.30
N4 STU B . 1.59 5.14 7.47
C28 STU B . 1.89 6.28 6.54
#